data_2GGS
#
_entry.id   2GGS
#
_cell.length_a   153.944
_cell.length_b   40.683
_cell.length_c   103.140
_cell.angle_alpha   90.00
_cell.angle_beta   116.18
_cell.angle_gamma   90.00
#
_symmetry.space_group_name_H-M   'C 1 2 1'
#
loop_
_entity.id
_entity.type
_entity.pdbx_description
1 polymer '273aa long hypothetical dTDP-4-dehydrorhamnose reductase'
2 non-polymer 'NADPH DIHYDRO-NICOTINAMIDE-ADENINE-DINUCLEOTIDE PHOSPHATE'
3 water water
#
_entity_poly.entity_id   1
_entity_poly.type   'polypeptide(L)'
_entity_poly.pdbx_seq_one_letter_code
;MRTLITGASGQLGIELSRLLSERHEVIKVYNSSEIQGGYKLDLTDFPRLEDFIIKKRPDVIINAAAMTDVDKCEIEKEKA
YKINAEAVRHIVRAGKVIDSYIVHISTDYVFDGEKGNYKEEDIPNPINYYGLSKLLGETFALQDDSLIIRTSGIFRNKGF
PIYVYKTLKEGKTVFAFKGYYSPISARKLASAILELLELRKTGIIHVAGERISRFELALKIKEKFNLPGEVKEVDEVRGW
IAKRPYDSSLDSSRARKILSTDFYTLDLDGMVV
;
_entity_poly.pdbx_strand_id   A,B
#
# COMPACT_ATOMS: atom_id res chain seq x y z
N MET A 1 2.42 31.72 -1.56
CA MET A 1 3.70 31.10 -1.97
C MET A 1 4.61 30.85 -0.78
N ARG A 2 4.18 31.25 0.40
CA ARG A 2 4.69 30.62 1.57
C ARG A 2 4.09 29.20 1.43
N THR A 3 2.79 29.02 1.66
CA THR A 3 2.24 27.70 1.93
C THR A 3 1.07 27.39 1.01
N LEU A 4 1.01 26.29 0.21
CA LEU A 4 -0.07 25.62 -0.48
C LEU A 4 -0.76 24.61 0.44
N ILE A 5 -2.03 24.88 0.56
CA ILE A 5 -2.85 23.98 1.33
C ILE A 5 -3.81 23.30 0.39
N THR A 6 -3.56 22.04 0.08
CA THR A 6 -4.60 21.27 -0.66
C THR A 6 -5.63 20.83 0.36
N GLY A 7 -6.84 20.59 -0.09
CA GLY A 7 -7.94 20.33 0.84
C GLY A 7 -8.28 21.55 1.70
N ALA A 8 -7.99 22.76 1.21
CA ALA A 8 -8.26 24.01 1.90
C ALA A 8 -9.69 24.24 2.27
N SER A 9 -10.62 23.71 1.44
CA SER A 9 -12.02 23.79 1.71
C SER A 9 -12.61 22.78 2.69
N GLY A 10 -11.77 21.87 3.23
CA GLY A 10 -12.26 20.80 4.12
C GLY A 10 -12.11 21.24 5.59
N GLN A 11 -12.36 20.31 6.50
CA GLN A 11 -12.38 20.68 7.92
C GLN A 11 -11.04 21.21 8.41
N LEU A 12 -9.98 20.41 8.17
CA LEU A 12 -8.64 20.79 8.55
C LEU A 12 -8.19 22.00 7.73
N GLY A 13 -8.44 21.98 6.40
CA GLY A 13 -7.98 23.07 5.56
C GLY A 13 -8.53 24.44 5.93
N ILE A 14 -9.83 24.51 6.27
CA ILE A 14 -10.43 25.79 6.72
C ILE A 14 -9.65 26.37 7.90
N GLU A 15 -9.39 25.49 8.87
CA GLU A 15 -8.70 25.89 10.07
C GLU A 15 -7.22 26.24 9.82
N LEU A 16 -6.53 25.44 9.00
CA LEU A 16 -5.18 25.80 8.57
C LEU A 16 -5.12 27.16 7.91
N SER A 17 -6.05 27.41 6.98
CA SER A 17 -6.10 28.71 6.32
C SER A 17 -6.21 29.86 7.33
N ARG A 18 -7.09 29.70 8.31
CA ARG A 18 -7.40 30.73 9.29
C ARG A 18 -6.13 31.07 10.06
N LEU A 19 -5.42 30.04 10.46
CA LEU A 19 -4.28 30.22 11.36
C LEU A 19 -3.02 30.63 10.63
N LEU A 20 -2.78 29.98 9.49
CA LEU A 20 -1.59 30.29 8.71
C LEU A 20 -1.61 31.70 8.12
N SER A 21 -2.79 32.23 7.84
CA SER A 21 -2.92 33.53 7.21
C SER A 21 -2.38 34.64 8.11
N GLU A 22 -2.20 34.33 9.39
CA GLU A 22 -1.63 35.32 10.31
C GLU A 22 -0.18 35.70 9.97
N ARG A 23 0.63 34.76 9.45
CA ARG A 23 2.10 34.92 9.41
C ARG A 23 3.05 34.95 8.15
N HIS A 24 2.74 34.61 6.90
CA HIS A 24 2.21 33.38 6.29
C HIS A 24 1.34 33.65 5.06
N GLU A 25 1.98 33.58 3.89
CA GLU A 25 1.31 33.74 2.59
C GLU A 25 0.69 32.40 2.16
N VAL A 26 -0.63 32.37 1.92
CA VAL A 26 -1.33 31.09 1.77
C VAL A 26 -1.96 30.96 0.38
N ILE A 27 -1.74 29.80 -0.23
CA ILE A 27 -2.40 29.43 -1.47
C ILE A 27 -3.41 28.34 -1.14
N LYS A 28 -4.68 28.68 -1.27
CA LYS A 28 -5.79 27.80 -0.86
C LYS A 28 -6.39 27.10 -2.06
N VAL A 29 -6.34 25.76 -2.08
CA VAL A 29 -6.90 24.98 -3.20
C VAL A 29 -8.20 24.26 -2.81
N TYR A 30 -9.23 24.35 -3.67
CA TYR A 30 -10.46 23.66 -3.42
C TYR A 30 -10.80 23.00 -4.75
N ASN A 31 -11.80 22.13 -4.75
CA ASN A 31 -12.26 21.50 -5.98
C ASN A 31 -13.76 21.78 -6.10
N SER A 32 -14.57 20.99 -5.41
CA SER A 32 -16.02 21.14 -5.46
C SER A 32 -16.57 22.33 -4.63
N SER A 33 -15.88 22.66 -3.54
CA SER A 33 -16.43 23.59 -2.54
C SER A 33 -15.65 24.89 -2.52
N GLU A 34 -16.19 25.90 -3.22
CA GLU A 34 -15.52 27.19 -3.38
C GLU A 34 -15.30 27.89 -2.03
N ILE A 35 -14.10 28.43 -1.89
CA ILE A 35 -13.77 29.24 -0.73
C ILE A 35 -13.24 30.61 -1.18
N GLN A 36 -13.41 31.61 -0.32
CA GLN A 36 -12.94 32.96 -0.57
C GLN A 36 -11.46 32.99 -0.94
N GLY A 37 -11.14 33.57 -2.08
CA GLY A 37 -9.74 33.74 -2.50
C GLY A 37 -8.99 32.44 -2.84
N GLY A 38 -9.73 31.35 -2.98
CA GLY A 38 -9.14 30.06 -3.34
C GLY A 38 -8.91 29.86 -4.83
N TYR A 39 -8.26 28.76 -5.16
CA TYR A 39 -7.98 28.34 -6.52
C TYR A 39 -8.62 27.00 -6.72
N LYS A 40 -9.38 26.88 -7.81
CA LYS A 40 -10.03 25.64 -8.09
C LYS A 40 -9.05 24.69 -8.81
N LEU A 41 -8.92 23.47 -8.30
CA LEU A 41 -7.99 22.49 -8.87
C LEU A 41 -8.36 21.09 -8.44
N ASP A 42 -8.57 20.24 -9.43
CA ASP A 42 -8.79 18.84 -9.21
C ASP A 42 -7.45 18.16 -9.18
N LEU A 43 -7.08 17.63 -8.01
CA LEU A 43 -5.78 16.97 -7.83
C LEU A 43 -5.61 15.67 -8.66
N THR A 44 -6.69 15.14 -9.21
CA THR A 44 -6.61 13.94 -10.06
C THR A 44 -6.31 14.28 -11.53
N ASP A 45 -6.26 15.56 -11.85
CA ASP A 45 -5.77 16.02 -13.17
C ASP A 45 -4.25 16.26 -13.00
N PHE A 46 -3.48 15.17 -13.10
CA PHE A 46 -2.07 15.23 -12.70
C PHE A 46 -1.20 16.29 -13.41
N PRO A 47 -1.34 16.45 -14.75
CA PRO A 47 -0.49 17.49 -15.34
C PRO A 47 -0.83 18.89 -14.86
N ARG A 48 -2.12 19.16 -14.63
CA ARG A 48 -2.59 20.47 -14.14
C ARG A 48 -2.10 20.70 -12.71
N LEU A 49 -2.16 19.64 -11.89
CA LEU A 49 -1.59 19.68 -10.53
C LEU A 49 -0.11 20.03 -10.51
N GLU A 50 0.71 19.28 -11.25
CA GLU A 50 2.13 19.53 -11.27
C GLU A 50 2.45 20.96 -11.77
N ASP A 51 1.75 21.40 -12.82
CA ASP A 51 1.95 22.74 -13.37
C ASP A 51 1.62 23.79 -12.33
N PHE A 52 0.56 23.55 -11.57
CA PHE A 52 0.09 24.51 -10.56
C PHE A 52 1.16 24.70 -9.50
N ILE A 53 1.73 23.57 -9.05
CA ILE A 53 2.74 23.60 -8.02
C ILE A 53 3.98 24.34 -8.50
N ILE A 54 4.41 23.99 -9.71
CA ILE A 54 5.63 24.57 -10.27
C ILE A 54 5.46 26.07 -10.55
N LYS A 55 4.26 26.47 -10.98
CA LYS A 55 3.95 27.90 -11.19
C LYS A 55 3.83 28.71 -9.88
N LYS A 56 3.11 28.18 -8.89
CA LYS A 56 2.83 28.94 -7.67
C LYS A 56 3.99 28.97 -6.71
N ARG A 57 4.92 27.99 -6.84
CA ARG A 57 6.16 27.97 -6.06
C ARG A 57 5.93 28.06 -4.53
N PRO A 58 5.10 27.16 -3.98
CA PRO A 58 5.02 27.16 -2.51
C PRO A 58 6.33 26.75 -1.84
N ASP A 59 6.68 27.40 -0.73
CA ASP A 59 7.82 26.99 0.07
C ASP A 59 7.46 25.69 0.76
N VAL A 60 6.16 25.60 1.09
CA VAL A 60 5.60 24.53 1.89
C VAL A 60 4.29 24.03 1.22
N ILE A 61 4.10 22.72 1.17
CA ILE A 61 2.84 22.18 0.70
C ILE A 61 2.28 21.36 1.86
N ILE A 62 1.05 21.66 2.28
CA ILE A 62 0.34 20.79 3.23
C ILE A 62 -0.77 20.06 2.47
N ASN A 63 -0.60 18.74 2.31
CA ASN A 63 -1.57 17.93 1.54
C ASN A 63 -2.67 17.38 2.43
N ALA A 64 -3.76 18.15 2.56
CA ALA A 64 -4.91 17.72 3.36
C ALA A 64 -6.05 17.21 2.48
N ALA A 65 -5.86 17.27 1.18
CA ALA A 65 -6.96 16.77 0.32
C ALA A 65 -7.13 15.25 0.34
N ALA A 66 -8.36 14.76 0.28
CA ALA A 66 -8.62 13.29 0.33
C ALA A 66 -10.11 13.03 0.17
N MET A 67 -10.43 11.82 -0.25
CA MET A 67 -11.78 11.25 -0.23
C MET A 67 -11.90 10.56 1.12
N THR A 68 -12.63 11.20 2.02
CA THR A 68 -12.70 10.75 3.41
C THR A 68 -13.98 10.01 3.81
N ASP A 69 -14.91 9.84 2.88
CA ASP A 69 -16.09 9.00 3.12
C ASP A 69 -15.67 7.55 3.03
N VAL A 70 -15.57 6.92 4.20
CA VAL A 70 -15.04 5.58 4.31
C VAL A 70 -15.81 4.54 3.49
N ASP A 71 -17.15 4.62 3.52
CA ASP A 71 -17.95 3.62 2.82
C ASP A 71 -17.90 3.80 1.33
N LYS A 72 -17.87 5.05 0.90
CA LYS A 72 -17.69 5.36 -0.51
C LYS A 72 -16.35 4.84 -1.01
N CYS A 73 -15.28 5.00 -0.22
CA CYS A 73 -13.96 4.46 -0.61
C CYS A 73 -14.01 2.94 -0.84
N GLU A 74 -14.85 2.23 -0.08
CA GLU A 74 -14.89 0.77 -0.13
C GLU A 74 -15.47 0.27 -1.45
N ILE A 75 -16.41 1.03 -2.00
CA ILE A 75 -17.06 0.70 -3.28
C ILE A 75 -16.30 1.34 -4.47
N GLU A 76 -15.95 2.61 -4.36
CA GLU A 76 -15.33 3.31 -5.47
C GLU A 76 -13.84 3.37 -5.28
N LYS A 77 -13.25 2.17 -5.32
CA LYS A 77 -11.82 2.01 -5.01
C LYS A 77 -10.94 2.75 -5.99
N GLU A 78 -11.26 2.70 -7.29
CA GLU A 78 -10.50 3.45 -8.29
C GLU A 78 -10.41 4.96 -7.98
N LYS A 79 -11.55 5.57 -7.67
CA LYS A 79 -11.61 6.98 -7.31
C LYS A 79 -10.77 7.26 -6.05
N ALA A 80 -10.96 6.42 -5.03
CA ALA A 80 -10.18 6.59 -3.74
C ALA A 80 -8.70 6.52 -4.02
N TYR A 81 -8.26 5.53 -4.80
CA TYR A 81 -6.85 5.44 -5.17
C TYR A 81 -6.27 6.70 -5.83
N LYS A 82 -6.98 7.25 -6.79
CA LYS A 82 -6.46 8.36 -7.52
C LYS A 82 -6.22 9.59 -6.67
N ILE A 83 -7.11 9.85 -5.74
CA ILE A 83 -6.96 11.08 -4.92
C ILE A 83 -6.15 10.77 -3.66
N ASN A 84 -6.44 9.62 -3.01
CA ASN A 84 -5.80 9.35 -1.72
C ASN A 84 -4.39 8.84 -1.84
N ALA A 85 -4.07 8.26 -3.01
CA ALA A 85 -2.74 7.72 -3.22
C ALA A 85 -2.03 8.37 -4.41
N GLU A 86 -2.58 8.22 -5.62
CA GLU A 86 -1.78 8.58 -6.80
C GLU A 86 -1.46 10.09 -6.86
N ALA A 87 -2.38 10.95 -6.44
CA ALA A 87 -2.16 12.41 -6.46
C ALA A 87 -0.91 12.75 -5.67
N VAL A 88 -0.69 11.98 -4.58
CA VAL A 88 0.46 12.23 -3.70
C VAL A 88 1.76 12.04 -4.48
N ARG A 89 1.80 11.05 -5.37
CA ARG A 89 3.00 10.83 -6.18
C ARG A 89 3.33 12.11 -6.97
N HIS A 90 2.31 12.74 -7.49
CA HIS A 90 2.50 13.90 -8.32
C HIS A 90 2.79 15.18 -7.50
N ILE A 91 2.20 15.29 -6.32
CA ILE A 91 2.56 16.35 -5.43
C ILE A 91 4.05 16.28 -5.05
N VAL A 92 4.51 15.08 -4.69
CA VAL A 92 5.93 14.87 -4.35
C VAL A 92 6.86 15.21 -5.56
N ARG A 93 6.48 14.74 -6.76
CA ARG A 93 7.31 14.96 -7.94
C ARG A 93 7.49 16.45 -8.28
N ALA A 94 6.37 17.15 -8.41
CA ALA A 94 6.39 18.60 -8.63
C ALA A 94 7.02 19.39 -7.50
N GLY A 95 6.71 19.01 -6.26
CA GLY A 95 7.37 19.57 -5.10
C GLY A 95 8.88 19.48 -5.19
N LYS A 96 9.41 18.38 -5.74
CA LYS A 96 10.85 18.14 -5.73
C LYS A 96 11.55 19.14 -6.65
N VAL A 97 10.86 19.44 -7.74
CA VAL A 97 11.38 20.37 -8.75
C VAL A 97 11.70 21.74 -8.13
N ILE A 98 10.86 22.17 -7.19
CA ILE A 98 10.98 23.46 -6.51
C ILE A 98 11.56 23.33 -5.09
N ASP A 99 11.92 22.10 -4.73
CA ASP A 99 12.53 21.81 -3.43
C ASP A 99 11.59 22.23 -2.28
N SER A 100 10.30 22.00 -2.47
CA SER A 100 9.31 22.35 -1.46
C SER A 100 9.39 21.45 -0.22
N TYR A 101 8.98 21.98 0.92
CA TYR A 101 8.84 21.18 2.12
C TYR A 101 7.43 20.57 2.06
N ILE A 102 7.35 19.24 2.02
CA ILE A 102 6.07 18.55 1.83
C ILE A 102 5.57 17.99 3.16
N VAL A 103 4.35 18.38 3.54
CA VAL A 103 3.70 17.87 4.78
C VAL A 103 2.43 17.14 4.37
N HIS A 104 2.37 15.83 4.60
CA HIS A 104 1.27 15.04 4.08
C HIS A 104 0.43 14.56 5.27
N ILE A 105 -0.89 14.67 5.17
CA ILE A 105 -1.74 14.28 6.29
C ILE A 105 -2.27 12.87 6.08
N SER A 106 -2.14 12.02 7.11
CA SER A 106 -2.59 10.65 7.01
C SER A 106 -3.54 10.28 8.17
N THR A 107 -3.78 8.98 8.32
CA THR A 107 -4.93 8.51 9.13
C THR A 107 -4.59 7.31 10.02
N ASP A 108 -5.28 7.26 11.17
CA ASP A 108 -5.27 6.11 12.06
C ASP A 108 -5.87 4.85 11.44
N TYR A 109 -6.69 5.00 10.37
CA TYR A 109 -7.25 3.82 9.68
C TYR A 109 -6.22 3.06 8.82
N VAL A 110 -4.97 3.53 8.77
CA VAL A 110 -3.93 2.64 8.21
C VAL A 110 -3.62 1.45 9.12
N PHE A 111 -4.07 1.48 10.38
CA PHE A 111 -3.81 0.34 11.33
C PHE A 111 -4.99 -0.62 11.43
N ASP A 112 -4.73 -1.87 11.82
CA ASP A 112 -5.79 -2.87 11.78
C ASP A 112 -6.73 -2.78 12.98
N GLY A 113 -6.30 -2.03 13.99
CA GLY A 113 -7.12 -1.78 15.17
C GLY A 113 -7.20 -2.87 16.22
N GLU A 114 -6.34 -3.87 16.10
CA GLU A 114 -6.31 -4.97 17.08
C GLU A 114 -5.47 -4.65 18.31
N LYS A 115 -4.66 -3.59 18.23
CA LYS A 115 -3.78 -3.22 19.36
C LYS A 115 -4.12 -1.87 20.03
N GLY A 116 -4.39 -0.83 19.24
CA GLY A 116 -4.57 0.50 19.78
C GLY A 116 -3.26 1.16 20.17
N ASN A 117 -3.37 2.43 20.59
CA ASN A 117 -2.23 3.19 21.05
C ASN A 117 -1.05 3.08 20.09
N TYR A 118 -1.31 3.32 18.80
CA TYR A 118 -0.26 3.11 17.80
C TYR A 118 0.79 4.19 17.79
N LYS A 119 2.08 3.78 17.78
CA LYS A 119 3.19 4.72 17.67
C LYS A 119 3.67 4.79 16.23
N GLU A 120 4.52 5.77 15.93
CA GLU A 120 4.93 6.04 14.54
C GLU A 120 5.49 4.84 13.79
N GLU A 121 6.26 4.03 14.51
CA GLU A 121 6.96 2.90 13.91
C GLU A 121 6.15 1.61 13.84
N ASP A 122 4.96 1.57 14.46
CA ASP A 122 4.07 0.40 14.34
C ASP A 122 3.69 0.18 12.88
N ILE A 123 3.44 -1.08 12.52
CA ILE A 123 3.28 -1.43 11.11
C ILE A 123 1.84 -1.33 10.68
N PRO A 124 1.56 -0.47 9.67
CA PRO A 124 0.20 -0.36 9.11
C PRO A 124 -0.27 -1.66 8.50
N ASN A 125 -1.57 -1.91 8.66
CA ASN A 125 -2.22 -3.11 8.13
C ASN A 125 -3.71 -2.80 8.02
N PRO A 126 -4.09 -1.92 7.07
CA PRO A 126 -5.49 -1.42 7.05
C PRO A 126 -6.51 -2.50 6.74
N ILE A 127 -7.71 -2.35 7.31
CA ILE A 127 -8.82 -3.27 7.05
C ILE A 127 -9.99 -2.68 6.25
N ASN A 128 -9.81 -1.47 5.74
CA ASN A 128 -10.77 -0.91 4.81
C ASN A 128 -10.03 -0.17 3.70
N TYR A 129 -10.70 0.07 2.56
CA TYR A 129 -10.02 0.68 1.42
C TYR A 129 -9.65 2.17 1.64
N TYR A 130 -10.41 2.89 2.46
CA TYR A 130 -10.01 4.24 2.80
C TYR A 130 -8.60 4.16 3.41
N GLY A 131 -8.45 3.29 4.41
CA GLY A 131 -7.15 3.07 5.06
C GLY A 131 -6.02 2.65 4.12
N LEU A 132 -6.33 1.71 3.23
CA LEU A 132 -5.34 1.22 2.26
C LEU A 132 -4.95 2.32 1.27
N SER A 133 -5.94 2.98 0.66
CA SER A 133 -5.62 4.09 -0.26
C SER A 133 -4.76 5.15 0.44
N LYS A 134 -5.09 5.48 1.69
CA LYS A 134 -4.29 6.41 2.45
C LYS A 134 -2.89 5.87 2.72
N LEU A 135 -2.80 4.60 3.05
CA LEU A 135 -1.47 3.99 3.29
C LEU A 135 -0.62 4.05 2.02
N LEU A 136 -1.21 3.79 0.87
CA LEU A 136 -0.48 3.93 -0.40
C LEU A 136 -0.01 5.38 -0.63
N GLY A 137 -0.85 6.37 -0.32
CA GLY A 137 -0.41 7.76 -0.34
C GLY A 137 0.76 8.02 0.61
N GLU A 138 0.71 7.44 1.82
CA GLU A 138 1.86 7.56 2.74
C GLU A 138 3.13 7.06 2.10
N THR A 139 2.98 5.98 1.34
CA THR A 139 4.12 5.32 0.74
C THR A 139 4.71 6.23 -0.33
N PHE A 140 3.86 6.85 -1.14
CA PHE A 140 4.41 7.83 -2.09
C PHE A 140 5.05 9.03 -1.39
N ALA A 141 4.51 9.42 -0.24
CA ALA A 141 4.94 10.62 0.51
C ALA A 141 6.25 10.41 1.28
N LEU A 142 6.65 9.16 1.47
CA LEU A 142 7.87 8.84 2.23
C LEU A 142 9.10 9.38 1.55
N GLN A 143 9.71 10.41 2.13
CA GLN A 143 10.88 11.06 1.55
C GLN A 143 11.80 11.51 2.67
N ASP A 144 13.12 11.53 2.41
CA ASP A 144 14.06 11.93 3.45
C ASP A 144 13.70 13.26 4.10
N ASP A 145 13.17 14.19 3.31
CA ASP A 145 12.82 15.53 3.79
C ASP A 145 11.32 15.88 3.81
N SER A 146 10.43 14.90 3.80
CA SER A 146 8.98 15.19 3.94
C SER A 146 8.53 14.79 5.34
N LEU A 147 7.34 15.24 5.73
CA LEU A 147 6.75 14.89 7.02
C LEU A 147 5.35 14.30 6.76
N ILE A 148 5.08 13.13 7.35
CA ILE A 148 3.75 12.50 7.33
C ILE A 148 3.21 12.70 8.73
N ILE A 149 2.02 13.30 8.81
CA ILE A 149 1.34 13.49 10.10
C ILE A 149 0.14 12.57 10.13
N ARG A 150 0.14 11.55 11.00
CA ARG A 150 -1.06 10.70 11.10
C ARG A 150 -1.96 11.29 12.18
N THR A 151 -3.25 11.31 11.90
CA THR A 151 -4.23 11.87 12.85
C THR A 151 -5.48 10.98 12.87
N SER A 152 -6.43 11.33 13.74
CA SER A 152 -7.57 10.47 14.01
C SER A 152 -8.81 11.33 14.21
N GLY A 153 -9.93 10.95 13.57
CA GLY A 153 -11.23 11.49 13.98
C GLY A 153 -11.33 13.00 13.94
N ILE A 154 -10.76 13.64 12.90
CA ILE A 154 -10.90 15.08 12.77
C ILE A 154 -12.36 15.49 12.77
N PHE A 155 -12.68 16.46 13.61
CA PHE A 155 -14.05 16.97 13.66
C PHE A 155 -14.16 18.48 13.67
N ARG A 156 -15.17 19.00 12.96
CA ARG A 156 -15.41 20.42 12.87
C ARG A 156 -16.90 20.51 12.56
N ASN A 157 -17.22 20.67 11.27
CA ASN A 157 -18.62 20.66 10.82
C ASN A 157 -19.12 19.26 10.41
N LYS A 158 -18.24 18.27 10.38
CA LYS A 158 -18.69 16.90 10.28
C LYS A 158 -17.87 15.99 11.24
N GLY A 159 -17.85 14.68 11.00
CA GLY A 159 -17.17 13.78 11.93
C GLY A 159 -18.19 13.37 12.98
N PHE A 160 -17.82 12.40 13.80
CA PHE A 160 -18.76 11.77 14.73
C PHE A 160 -19.43 12.74 15.74
N PRO A 161 -18.68 13.66 16.40
CA PRO A 161 -19.37 14.51 17.38
C PRO A 161 -20.53 15.30 16.81
N ILE A 162 -20.40 15.72 15.56
CA ILE A 162 -21.47 16.44 14.89
C ILE A 162 -22.67 15.56 14.58
N TYR A 163 -22.43 14.36 14.07
CA TYR A 163 -23.48 13.37 13.85
C TYR A 163 -24.23 13.13 15.17
N VAL A 164 -23.49 12.96 16.27
CA VAL A 164 -24.13 12.77 17.59
C VAL A 164 -25.01 13.96 17.98
N TYR A 165 -24.45 15.17 17.88
CA TYR A 165 -25.15 16.40 18.31
C TYR A 165 -26.44 16.56 17.54
N LYS A 166 -26.35 16.47 16.21
CA LYS A 166 -27.51 16.68 15.32
C LYS A 166 -28.56 15.58 15.49
N THR A 167 -28.12 14.33 15.59
CA THR A 167 -29.03 13.18 15.76
C THR A 167 -29.78 13.25 17.10
N LEU A 168 -29.05 13.45 18.20
CA LEU A 168 -29.66 13.47 19.55
C LEU A 168 -30.57 14.65 19.76
N LYS A 169 -30.22 15.79 19.17
CA LYS A 169 -30.98 17.03 19.27
C LYS A 169 -32.38 16.83 18.66
N GLU A 170 -32.45 16.03 17.60
CA GLU A 170 -33.72 15.75 16.92
C GLU A 170 -34.45 14.55 17.57
N GLY A 171 -33.95 14.10 18.72
CA GLY A 171 -34.58 13.01 19.47
C GLY A 171 -34.30 11.62 18.94
N LYS A 172 -33.44 11.53 17.92
CA LYS A 172 -33.14 10.24 17.30
C LYS A 172 -32.07 9.43 18.05
N THR A 173 -32.00 8.14 17.73
CA THR A 173 -31.02 7.25 18.33
C THR A 173 -29.69 7.31 17.58
N VAL A 174 -28.62 7.49 18.36
CA VAL A 174 -27.26 7.37 17.87
C VAL A 174 -26.77 5.95 18.08
N PHE A 175 -26.30 5.33 17.01
CA PHE A 175 -25.67 4.03 17.10
C PHE A 175 -24.15 4.16 17.14
N ALA A 176 -23.57 3.91 18.31
CA ALA A 176 -22.16 4.18 18.52
C ALA A 176 -21.38 2.90 18.38
N PHE A 177 -20.49 2.90 17.39
CA PHE A 177 -19.59 1.80 17.18
C PHE A 177 -18.83 1.45 18.47
N LYS A 178 -18.83 0.17 18.83
CA LYS A 178 -17.98 -0.33 19.91
C LYS A 178 -16.53 -0.37 19.46
N GLY A 179 -15.78 0.66 19.83
CA GLY A 179 -14.36 0.75 19.53
C GLY A 179 -13.84 2.12 19.90
N TYR A 180 -12.53 2.29 19.78
CA TYR A 180 -11.78 3.43 20.36
C TYR A 180 -11.23 4.17 19.16
N TYR A 181 -11.13 5.48 19.22
CA TYR A 181 -10.05 6.21 18.61
C TYR A 181 -9.55 7.45 19.32
N SER A 182 -8.95 8.40 18.58
CA SER A 182 -8.35 9.56 19.22
C SER A 182 -8.76 10.91 18.56
N PRO A 183 -10.03 11.29 18.73
CA PRO A 183 -10.56 12.43 17.96
C PRO A 183 -9.86 13.74 18.33
N ILE A 184 -9.53 14.55 17.33
CA ILE A 184 -8.97 15.87 17.53
C ILE A 184 -9.81 16.86 16.74
N SER A 185 -10.06 18.03 17.30
CA SER A 185 -10.76 19.07 16.53
C SER A 185 -9.90 19.56 15.39
N ALA A 186 -10.55 19.93 14.29
CA ALA A 186 -9.75 20.53 13.23
C ALA A 186 -8.89 21.69 13.69
N ARG A 187 -9.42 22.57 14.58
CA ARG A 187 -8.66 23.74 15.02
C ARG A 187 -7.42 23.37 15.86
N LYS A 188 -7.55 22.36 16.72
CA LYS A 188 -6.37 21.95 17.51
C LYS A 188 -5.30 21.31 16.65
N LEU A 189 -5.73 20.45 15.74
CA LEU A 189 -4.83 19.83 14.74
C LEU A 189 -4.14 20.93 13.92
N ALA A 190 -4.88 21.94 13.46
CA ALA A 190 -4.28 23.03 12.65
C ALA A 190 -3.20 23.78 13.44
N SER A 191 -3.52 24.06 14.70
CA SER A 191 -2.58 24.75 15.60
C SER A 191 -1.28 23.92 15.75
N ALA A 192 -1.42 22.60 15.90
CA ALA A 192 -0.24 21.72 15.99
C ALA A 192 0.58 21.76 14.73
N ILE A 193 -0.11 21.70 13.58
CA ILE A 193 0.57 21.67 12.30
C ILE A 193 1.36 22.97 12.08
N LEU A 194 0.77 24.12 12.43
CA LEU A 194 1.47 25.40 12.40
C LEU A 194 2.78 25.33 13.20
N GLU A 195 2.73 24.80 14.41
CA GLU A 195 3.97 24.67 15.23
C GLU A 195 5.00 23.79 14.55
N LEU A 196 4.54 22.69 13.98
CA LEU A 196 5.41 21.73 13.32
C LEU A 196 6.14 22.35 12.15
N LEU A 197 5.41 23.18 11.38
CA LEU A 197 5.94 23.86 10.21
C LEU A 197 7.19 24.65 10.49
N GLU A 198 7.07 25.53 11.49
CA GLU A 198 8.17 26.38 11.91
C GLU A 198 9.39 25.51 12.15
N LEU A 199 9.17 24.32 12.73
CA LEU A 199 10.24 23.39 13.12
C LEU A 199 10.88 22.60 11.97
N ARG A 200 10.23 22.55 10.81
CA ARG A 200 10.72 21.76 9.67
C ARG A 200 11.03 20.29 10.03
N LYS A 201 10.20 19.74 10.91
CA LYS A 201 10.23 18.31 11.21
C LYS A 201 10.05 17.44 9.95
N THR A 202 10.74 16.30 9.92
CA THR A 202 10.67 15.31 8.84
C THR A 202 10.39 13.94 9.45
N GLY A 203 10.03 12.96 8.61
CA GLY A 203 9.72 11.61 9.07
C GLY A 203 8.23 11.35 9.21
N ILE A 204 7.84 10.64 10.27
CA ILE A 204 6.42 10.42 10.55
C ILE A 204 6.14 10.95 11.97
N ILE A 205 4.98 11.55 12.19
CA ILE A 205 4.62 12.04 13.54
C ILE A 205 3.12 11.84 13.73
N HIS A 206 2.74 11.36 14.91
CA HIS A 206 1.32 11.22 15.26
C HIS A 206 0.84 12.43 16.00
N VAL A 207 -0.23 13.06 15.53
CA VAL A 207 -0.83 14.19 16.23
C VAL A 207 -2.35 13.94 16.30
N ALA A 208 -2.83 13.45 17.45
CA ALA A 208 -4.26 13.19 17.63
C ALA A 208 -4.68 13.33 19.10
N GLY A 209 -5.93 13.02 19.39
CA GLY A 209 -6.53 13.31 20.70
C GLY A 209 -6.28 12.20 21.71
N GLU A 210 -6.99 12.26 22.83
CA GLU A 210 -6.90 11.21 23.83
C GLU A 210 -7.77 10.03 23.40
N ARG A 211 -7.33 8.81 23.72
CA ARG A 211 -8.10 7.60 23.40
C ARG A 211 -9.49 7.64 24.08
N ILE A 212 -10.55 7.41 23.32
CA ILE A 212 -11.90 7.40 23.84
C ILE A 212 -12.78 6.50 23.00
N SER A 213 -13.80 5.91 23.62
CA SER A 213 -14.74 5.08 22.88
C SER A 213 -15.80 5.99 22.23
N ARG A 214 -16.41 5.53 21.14
CA ARG A 214 -17.47 6.33 20.55
C ARG A 214 -18.64 6.52 21.52
N PHE A 215 -18.90 5.46 22.28
CA PHE A 215 -20.03 5.46 23.23
C PHE A 215 -19.82 6.54 24.28
N GLU A 216 -18.64 6.55 24.90
CA GLU A 216 -18.43 7.55 25.94
C GLU A 216 -18.50 8.94 25.30
N LEU A 217 -17.90 9.08 24.11
CA LEU A 217 -17.88 10.39 23.47
C LEU A 217 -19.29 10.91 23.21
N ALA A 218 -20.14 10.01 22.70
CA ALA A 218 -21.52 10.35 22.36
C ALA A 218 -22.29 10.77 23.62
N LEU A 219 -22.11 10.02 24.71
CA LEU A 219 -22.79 10.31 25.97
C LEU A 219 -22.26 11.59 26.64
N LYS A 220 -20.96 11.86 26.50
CA LYS A 220 -20.39 13.14 26.96
C LYS A 220 -21.07 14.28 26.23
N ILE A 221 -21.25 14.17 24.91
CA ILE A 221 -21.89 15.29 24.23
C ILE A 221 -23.39 15.37 24.56
N LYS A 222 -24.06 14.23 24.73
CA LYS A 222 -25.43 14.21 25.26
C LYS A 222 -25.53 14.92 26.62
N GLU A 223 -24.68 14.53 27.57
CA GLU A 223 -24.61 15.14 28.92
C GLU A 223 -24.30 16.62 28.80
N LYS A 224 -23.34 16.96 27.93
CA LYS A 224 -22.88 18.35 27.80
C LYS A 224 -24.02 19.32 27.50
N PHE A 225 -24.95 18.87 26.65
CA PHE A 225 -25.98 19.76 26.10
C PHE A 225 -27.40 19.32 26.41
N ASN A 226 -27.52 18.45 27.42
CA ASN A 226 -28.80 17.85 27.84
C ASN A 226 -29.68 17.42 26.69
N LEU A 227 -29.04 16.81 25.70
CA LEU A 227 -29.74 16.43 24.49
C LEU A 227 -30.65 15.25 24.79
N PRO A 228 -31.79 15.18 24.08
CA PRO A 228 -32.67 14.02 24.25
C PRO A 228 -32.10 12.91 23.38
N GLY A 229 -32.91 11.92 23.03
CA GLY A 229 -32.43 10.92 22.07
C GLY A 229 -31.43 10.01 22.71
N GLU A 230 -31.46 8.74 22.32
CA GLU A 230 -30.72 7.72 23.01
C GLU A 230 -29.40 7.41 22.33
N VAL A 231 -28.42 6.99 23.12
CA VAL A 231 -27.22 6.44 22.58
C VAL A 231 -27.18 4.94 22.81
N LYS A 232 -27.11 4.20 21.71
CA LYS A 232 -26.94 2.76 21.74
C LYS A 232 -25.62 2.36 21.10
N GLU A 233 -24.80 1.70 21.91
CA GLU A 233 -23.56 1.11 21.42
C GLU A 233 -23.87 -0.17 20.64
N VAL A 234 -23.22 -0.32 19.49
CA VAL A 234 -23.41 -1.52 18.65
C VAL A 234 -22.04 -2.13 18.27
N ASP A 235 -21.96 -3.46 18.15
CA ASP A 235 -20.70 -4.13 17.76
C ASP A 235 -20.37 -3.74 16.34
N GLU A 236 -21.42 -3.64 15.54
CA GLU A 236 -21.34 -3.19 14.17
C GLU A 236 -22.47 -2.23 13.88
N VAL A 237 -22.16 -1.15 13.18
CA VAL A 237 -23.15 -0.16 12.80
C VAL A 237 -23.88 -0.67 11.56
N ARG A 238 -25.20 -0.59 11.57
CA ARG A 238 -25.98 -1.01 10.41
C ARG A 238 -25.93 0.07 9.34
N GLY A 239 -25.72 -0.37 8.10
CA GLY A 239 -25.56 0.56 7.00
C GLY A 239 -24.13 0.68 6.55
N TRP A 240 -23.18 0.47 7.47
CA TRP A 240 -21.75 0.51 7.13
C TRP A 240 -21.38 -0.54 6.10
N ILE A 241 -20.66 -0.12 5.06
CA ILE A 241 -20.10 -1.04 4.07
C ILE A 241 -18.70 -1.50 4.53
N ALA A 242 -17.84 -0.57 4.88
CA ALA A 242 -16.47 -0.90 5.27
C ALA A 242 -16.36 -1.35 6.73
N LYS A 243 -15.36 -2.18 7.03
CA LYS A 243 -15.05 -2.55 8.42
C LYS A 243 -14.24 -1.42 9.02
N ARG A 244 -14.55 -1.03 10.26
CA ARG A 244 -13.72 -0.04 10.99
C ARG A 244 -12.78 -0.77 11.94
N PRO A 245 -11.55 -0.24 12.14
CA PRO A 245 -10.63 -0.83 13.12
C PRO A 245 -11.21 -0.71 14.53
N TYR A 246 -11.08 -1.77 15.32
CA TYR A 246 -11.61 -1.77 16.70
C TYR A 246 -11.04 -0.67 17.60
N ASP A 247 -9.73 -0.58 17.68
CA ASP A 247 -9.05 0.44 18.45
C ASP A 247 -7.98 1.06 17.60
N SER A 248 -8.30 2.18 16.97
CA SER A 248 -7.30 2.87 16.11
C SER A 248 -6.66 4.06 16.85
N SER A 249 -6.80 4.10 18.18
CA SER A 249 -6.22 5.21 18.90
C SER A 249 -4.73 5.31 18.59
N LEU A 250 -4.24 6.56 18.58
CA LEU A 250 -2.81 6.83 18.34
C LEU A 250 -2.07 7.25 19.59
N ASP A 251 -0.81 6.84 19.66
CA ASP A 251 0.10 7.31 20.69
C ASP A 251 0.81 8.53 20.15
N SER A 252 0.47 9.70 20.68
CA SER A 252 1.04 10.98 20.21
C SER A 252 2.12 11.48 21.19
N SER A 253 2.74 10.55 21.93
CA SER A 253 3.74 10.98 22.95
C SER A 253 4.86 11.82 22.37
N ARG A 254 5.35 11.46 21.18
CA ARG A 254 6.46 12.21 20.58
C ARG A 254 6.08 13.67 20.35
N ALA A 255 4.88 13.87 19.80
CA ALA A 255 4.41 15.20 19.49
C ALA A 255 4.13 16.02 20.74
N ARG A 256 3.66 15.33 21.79
CA ARG A 256 3.39 15.98 23.07
C ARG A 256 4.68 16.52 23.63
N LYS A 257 5.80 15.84 23.41
CA LYS A 257 7.10 16.42 23.82
C LYS A 257 7.53 17.63 22.97
N ILE A 258 7.39 17.49 21.65
CA ILE A 258 7.85 18.51 20.71
C ILE A 258 7.05 19.82 20.79
N LEU A 259 5.74 19.68 20.89
CA LEU A 259 4.87 20.83 20.75
C LEU A 259 4.50 21.44 22.09
N SER A 260 4.37 22.76 22.09
CA SER A 260 3.98 23.46 23.32
C SER A 260 2.49 23.32 23.62
N THR A 261 1.69 23.43 22.56
CA THR A 261 0.22 23.48 22.65
C THR A 261 -0.44 22.15 23.03
N ASP A 262 -1.47 22.23 23.87
CA ASP A 262 -2.27 21.05 24.20
C ASP A 262 -3.24 20.83 23.03
N PHE A 263 -2.84 19.97 22.11
CA PHE A 263 -3.65 19.63 20.94
C PHE A 263 -4.53 18.43 21.21
N TYR A 264 -4.40 17.81 22.39
CA TYR A 264 -4.95 16.49 22.61
C TYR A 264 -6.18 16.39 23.53
N THR A 265 -6.26 17.25 24.55
CA THR A 265 -7.44 17.27 25.41
C THR A 265 -8.69 17.47 24.55
N LEU A 266 -9.69 16.64 24.79
CA LEU A 266 -10.92 16.70 24.01
C LEU A 266 -11.42 18.16 23.88
N ASP A 267 -11.65 18.58 22.65
CA ASP A 267 -12.05 19.92 22.35
C ASP A 267 -13.45 20.02 21.70
N LEU A 268 -14.49 19.73 22.45
CA LEU A 268 -15.81 19.90 21.88
C LEU A 268 -16.22 21.29 21.41
N ASP A 269 -15.63 22.32 21.95
CA ASP A 269 -15.85 23.65 21.42
C ASP A 269 -15.38 23.82 19.95
N GLY A 270 -14.66 22.85 19.44
CA GLY A 270 -14.22 22.83 18.06
C GLY A 270 -15.27 22.35 17.09
N MET A 271 -16.39 21.94 17.63
CA MET A 271 -17.56 21.57 16.80
C MET A 271 -18.15 22.84 16.18
N VAL A 272 -18.57 22.72 14.91
CA VAL A 272 -19.16 23.85 14.19
C VAL A 272 -20.57 23.47 13.84
N VAL A 273 -21.45 24.34 14.34
CA VAL A 273 -22.79 24.10 14.89
C VAL A 273 -23.23 22.71 15.29
N MET B 1 27.48 -3.29 -15.27
CA MET B 1 27.00 -3.32 -16.68
C MET B 1 25.84 -4.30 -16.88
N ARG B 2 25.26 -4.30 -18.06
CA ARG B 2 23.95 -4.93 -18.34
C ARG B 2 22.94 -5.24 -17.19
N THR B 3 22.81 -6.48 -16.71
CA THR B 3 21.64 -6.85 -15.85
C THR B 3 21.95 -7.29 -14.40
N LEU B 4 21.41 -6.56 -13.42
CA LEU B 4 21.55 -6.94 -12.01
C LEU B 4 20.28 -7.66 -11.60
N ILE B 5 20.41 -8.86 -11.04
CA ILE B 5 19.25 -9.67 -10.58
C ILE B 5 19.34 -9.80 -9.07
N THR B 6 18.36 -9.25 -8.32
CA THR B 6 18.29 -9.51 -6.89
C THR B 6 17.54 -10.83 -6.70
N GLY B 7 17.70 -11.47 -5.54
CA GLY B 7 17.12 -12.77 -5.31
C GLY B 7 17.60 -13.80 -6.31
N ALA B 8 18.90 -13.74 -6.62
CA ALA B 8 19.41 -14.38 -7.83
C ALA B 8 19.46 -15.88 -7.74
N SER B 9 19.40 -16.41 -6.52
CA SER B 9 19.43 -17.84 -6.38
C SER B 9 18.02 -18.47 -6.30
N GLY B 10 16.97 -17.65 -6.42
CA GLY B 10 15.59 -18.16 -6.42
C GLY B 10 15.19 -18.75 -7.76
N GLN B 11 13.95 -19.26 -7.85
CA GLN B 11 13.49 -19.96 -9.04
C GLN B 11 13.58 -19.14 -10.32
N LEU B 12 12.99 -17.94 -10.28
CA LEU B 12 12.96 -17.09 -11.42
C LEU B 12 14.40 -16.66 -11.74
N GLY B 13 15.18 -16.37 -10.70
CA GLY B 13 16.53 -15.81 -10.78
C GLY B 13 17.48 -16.74 -11.51
N ILE B 14 17.41 -18.03 -11.17
CA ILE B 14 18.20 -19.07 -11.89
C ILE B 14 17.85 -19.11 -13.37
N GLU B 15 16.56 -19.15 -13.69
CA GLU B 15 16.16 -19.22 -15.08
C GLU B 15 16.56 -17.96 -15.86
N LEU B 16 16.37 -16.80 -15.24
CA LEU B 16 16.76 -15.53 -15.84
C LEU B 16 18.25 -15.52 -16.17
N SER B 17 19.08 -15.87 -15.19
CA SER B 17 20.54 -15.96 -15.36
C SER B 17 20.91 -16.90 -16.51
N ARG B 18 20.33 -18.10 -16.51
CA ARG B 18 20.56 -19.08 -17.57
C ARG B 18 20.36 -18.43 -18.93
N LEU B 19 19.19 -17.81 -19.15
CA LEU B 19 18.85 -17.21 -20.42
C LEU B 19 19.66 -15.96 -20.76
N LEU B 20 19.97 -15.13 -19.76
CA LEU B 20 20.65 -13.86 -20.00
C LEU B 20 22.17 -13.97 -20.14
N SER B 21 22.74 -15.03 -19.59
CA SER B 21 24.19 -15.19 -19.60
C SER B 21 24.88 -15.26 -20.99
N GLU B 22 24.08 -15.28 -22.08
CA GLU B 22 24.62 -15.46 -23.45
C GLU B 22 25.90 -14.64 -23.81
N ARG B 23 25.91 -13.33 -24.13
CA ARG B 23 24.86 -12.36 -24.55
C ARG B 23 24.66 -11.15 -23.62
N HIS B 24 24.68 -11.39 -22.32
CA HIS B 24 24.62 -10.28 -21.36
C HIS B 24 25.48 -10.54 -20.12
N GLU B 25 25.96 -9.44 -19.51
CA GLU B 25 26.73 -9.49 -18.28
C GLU B 25 25.75 -9.46 -17.10
N VAL B 26 25.82 -10.47 -16.23
CA VAL B 26 24.86 -10.63 -15.15
C VAL B 26 25.52 -10.41 -13.81
N ILE B 27 24.93 -9.49 -13.03
CA ILE B 27 25.37 -9.22 -11.65
C ILE B 27 24.37 -9.89 -10.73
N LYS B 28 24.79 -10.98 -10.11
CA LYS B 28 23.92 -11.80 -9.29
C LYS B 28 23.97 -11.36 -7.85
N VAL B 29 22.83 -10.95 -7.33
CA VAL B 29 22.71 -10.60 -5.93
C VAL B 29 21.90 -11.73 -5.29
N TYR B 30 22.62 -12.76 -4.89
CA TYR B 30 22.03 -13.86 -4.15
C TYR B 30 22.16 -13.56 -2.67
N ASN B 31 21.54 -14.39 -1.85
CA ASN B 31 21.50 -14.16 -0.42
C ASN B 31 21.94 -15.42 0.36
N SER B 32 21.05 -16.42 0.42
CA SER B 32 21.32 -17.69 1.08
C SER B 32 22.06 -18.68 0.19
N SER B 33 21.63 -18.79 -1.06
CA SER B 33 22.09 -19.84 -1.96
C SER B 33 23.03 -19.28 -3.02
N GLU B 34 24.30 -19.71 -2.96
CA GLU B 34 25.31 -19.28 -3.93
C GLU B 34 24.98 -19.74 -5.36
N ILE B 35 25.40 -18.96 -6.34
CA ILE B 35 25.06 -19.25 -7.74
C ILE B 35 26.31 -19.19 -8.67
N GLN B 36 26.64 -18.00 -9.21
CA GLN B 36 27.87 -17.78 -9.99
C GLN B 36 28.45 -16.39 -9.75
N GLY B 37 28.47 -15.56 -10.80
CA GLY B 37 28.96 -14.18 -10.75
C GLY B 37 28.17 -13.32 -9.79
N GLY B 38 28.31 -13.62 -8.49
CA GLY B 38 27.41 -13.08 -7.48
C GLY B 38 28.02 -12.41 -6.28
N TYR B 39 27.19 -11.64 -5.60
CA TYR B 39 27.63 -10.80 -4.50
C TYR B 39 26.71 -10.99 -3.32
N LYS B 40 27.28 -11.29 -2.17
CA LYS B 40 26.52 -11.48 -0.98
C LYS B 40 26.29 -10.15 -0.21
N LEU B 41 25.04 -9.72 -0.19
CA LEU B 41 24.61 -8.35 -0.04
C LEU B 41 23.31 -8.41 0.71
N ASP B 42 23.22 -7.82 1.88
CA ASP B 42 21.97 -7.76 2.59
C ASP B 42 21.15 -6.65 2.01
N LEU B 43 20.07 -7.03 1.37
CA LEU B 43 19.30 -6.04 0.60
C LEU B 43 18.61 -5.02 1.50
N THR B 44 18.55 -5.32 2.79
CA THR B 44 17.94 -4.43 3.74
C THR B 44 18.98 -3.49 4.36
N ASP B 45 20.23 -3.66 3.97
CA ASP B 45 21.30 -2.69 4.31
C ASP B 45 21.33 -1.67 3.17
N PHE B 46 20.49 -0.65 3.28
CA PHE B 46 20.18 0.20 2.12
C PHE B 46 21.32 1.07 1.63
N PRO B 47 22.08 1.71 2.56
CA PRO B 47 23.20 2.49 2.04
C PRO B 47 24.11 1.63 1.20
N ARG B 48 24.41 0.42 1.68
CA ARG B 48 25.30 -0.49 0.97
C ARG B 48 24.71 -0.89 -0.37
N LEU B 49 23.40 -1.19 -0.38
CA LEU B 49 22.71 -1.57 -1.61
C LEU B 49 22.74 -0.48 -2.69
N GLU B 50 22.46 0.76 -2.30
CA GLU B 50 22.43 1.86 -3.26
C GLU B 50 23.83 2.10 -3.81
N ASP B 51 24.80 2.16 -2.90
CA ASP B 51 26.19 2.33 -3.31
C ASP B 51 26.58 1.25 -4.31
N PHE B 52 26.13 0.03 -4.06
CA PHE B 52 26.44 -1.09 -4.96
C PHE B 52 25.85 -0.89 -6.37
N ILE B 53 24.59 -0.48 -6.47
CA ILE B 53 24.00 -0.21 -7.79
C ILE B 53 24.68 0.93 -8.56
N ILE B 54 25.02 2.00 -7.87
CA ILE B 54 25.64 3.14 -8.54
C ILE B 54 27.02 2.75 -9.08
N LYS B 55 27.76 1.97 -8.29
CA LYS B 55 29.13 1.57 -8.67
C LYS B 55 29.17 0.47 -9.73
N LYS B 56 28.24 -0.49 -9.65
CA LYS B 56 28.19 -1.56 -10.65
C LYS B 56 27.51 -1.13 -11.98
N ARG B 57 26.71 -0.08 -11.93
CA ARG B 57 26.07 0.51 -13.13
C ARG B 57 25.29 -0.46 -14.03
N PRO B 58 24.31 -1.19 -13.46
CA PRO B 58 23.53 -2.07 -14.36
C PRO B 58 22.65 -1.26 -15.32
N ASP B 59 22.50 -1.71 -16.56
CA ASP B 59 21.56 -1.10 -17.50
C ASP B 59 20.13 -1.46 -17.07
N VAL B 60 20.00 -2.66 -16.54
CA VAL B 60 18.69 -3.23 -16.11
C VAL B 60 18.78 -3.83 -14.72
N ILE B 61 17.73 -3.60 -13.93
CA ILE B 61 17.63 -4.20 -12.62
C ILE B 61 16.34 -5.00 -12.61
N ILE B 62 16.50 -6.30 -12.37
CA ILE B 62 15.28 -7.09 -12.15
C ILE B 62 15.16 -7.55 -10.73
N ASN B 63 14.16 -6.97 -10.07
CA ASN B 63 14.01 -7.21 -8.68
C ASN B 63 13.15 -8.42 -8.40
N ALA B 64 13.80 -9.57 -8.30
CA ALA B 64 13.14 -10.85 -8.02
C ALA B 64 13.24 -11.26 -6.56
N ALA B 65 14.00 -10.51 -5.76
CA ALA B 65 14.15 -10.78 -4.35
C ALA B 65 12.86 -10.50 -3.61
N ALA B 66 12.49 -11.38 -2.68
CA ALA B 66 11.29 -11.19 -1.86
C ALA B 66 11.34 -12.19 -0.70
N MET B 67 10.62 -11.87 0.36
CA MET B 67 10.27 -12.83 1.41
C MET B 67 8.95 -13.42 0.95
N THR B 68 8.99 -14.68 0.55
CA THR B 68 7.88 -15.31 -0.15
C THR B 68 7.08 -16.30 0.70
N ASP B 69 7.53 -16.56 1.92
CA ASP B 69 6.79 -17.36 2.88
C ASP B 69 5.61 -16.59 3.46
N VAL B 70 4.43 -16.95 3.00
CA VAL B 70 3.22 -16.19 3.26
C VAL B 70 2.84 -16.16 4.74
N ASP B 71 3.00 -17.29 5.41
CA ASP B 71 2.69 -17.34 6.84
C ASP B 71 3.72 -16.58 7.67
N LYS B 72 5.00 -16.68 7.30
CA LYS B 72 6.05 -15.91 7.99
C LYS B 72 5.89 -14.38 7.86
N CYS B 73 5.56 -13.91 6.65
CA CYS B 73 5.21 -12.49 6.46
C CYS B 73 4.09 -11.99 7.39
N GLU B 74 3.12 -12.87 7.69
CA GLU B 74 1.97 -12.46 8.49
C GLU B 74 2.36 -12.10 9.93
N ILE B 75 3.41 -12.75 10.44
CA ILE B 75 3.85 -12.54 11.81
C ILE B 75 5.04 -11.59 11.90
N GLU B 76 6.04 -11.80 11.07
CA GLU B 76 7.19 -10.91 10.99
C GLU B 76 6.96 -9.76 10.00
N LYS B 77 6.02 -8.88 10.31
CA LYS B 77 5.62 -7.81 9.35
C LYS B 77 6.74 -6.81 9.06
N GLU B 78 7.44 -6.39 10.11
CA GLU B 78 8.60 -5.52 9.97
C GLU B 78 9.65 -6.05 8.97
N LYS B 79 10.03 -7.33 9.09
CA LYS B 79 10.92 -7.98 8.14
C LYS B 79 10.36 -8.04 6.69
N ALA B 80 9.10 -8.44 6.53
CA ALA B 80 8.47 -8.49 5.21
C ALA B 80 8.49 -7.09 4.56
N TYR B 81 8.18 -6.06 5.33
CA TYR B 81 8.20 -4.70 4.80
C TYR B 81 9.59 -4.34 4.33
N LYS B 82 10.61 -4.58 5.16
CA LYS B 82 11.97 -4.17 4.77
C LYS B 82 12.38 -4.72 3.40
N ILE B 83 12.12 -5.99 3.13
CA ILE B 83 12.58 -6.59 1.89
C ILE B 83 11.57 -6.50 0.74
N ASN B 84 10.28 -6.67 1.03
CA ASN B 84 9.28 -6.68 -0.04
C ASN B 84 8.88 -5.28 -0.51
N ALA B 85 9.03 -4.30 0.38
CA ALA B 85 8.65 -2.91 0.09
C ALA B 85 9.87 -1.97 0.13
N GLU B 86 10.42 -1.77 1.31
CA GLU B 86 11.41 -0.70 1.47
C GLU B 86 12.63 -0.85 0.58
N ALA B 87 13.08 -2.09 0.39
CA ALA B 87 14.20 -2.37 -0.52
C ALA B 87 13.93 -1.83 -1.92
N VAL B 88 12.67 -1.93 -2.37
CA VAL B 88 12.29 -1.38 -3.69
C VAL B 88 12.49 0.14 -3.75
N ARG B 89 12.16 0.87 -2.68
CA ARG B 89 12.39 2.34 -2.70
C ARG B 89 13.87 2.64 -2.98
N HIS B 90 14.76 1.92 -2.30
CA HIS B 90 16.22 2.16 -2.49
C HIS B 90 16.75 1.66 -3.85
N ILE B 91 16.22 0.57 -4.36
CA ILE B 91 16.56 0.14 -5.73
C ILE B 91 16.13 1.22 -6.74
N VAL B 92 14.91 1.74 -6.57
CA VAL B 92 14.40 2.75 -7.50
C VAL B 92 15.25 4.01 -7.43
N ARG B 93 15.58 4.43 -6.20
CA ARG B 93 16.36 5.65 -5.98
C ARG B 93 17.74 5.56 -6.60
N ALA B 94 18.47 4.49 -6.26
CA ALA B 94 19.83 4.29 -6.83
C ALA B 94 19.74 4.12 -8.35
N GLY B 95 18.78 3.32 -8.80
CA GLY B 95 18.56 3.15 -10.24
C GLY B 95 18.34 4.47 -10.97
N LYS B 96 17.67 5.41 -10.32
CA LYS B 96 17.36 6.67 -10.98
C LYS B 96 18.61 7.52 -11.19
N VAL B 97 19.59 7.44 -10.28
CA VAL B 97 20.87 8.17 -10.46
C VAL B 97 21.49 7.83 -11.82
N ILE B 98 21.43 6.56 -12.18
CA ILE B 98 22.04 6.09 -13.41
C ILE B 98 21.03 5.80 -14.55
N ASP B 99 19.78 6.15 -14.33
CA ASP B 99 18.72 5.96 -15.32
C ASP B 99 18.47 4.48 -15.70
N SER B 100 18.72 3.57 -14.74
CA SER B 100 18.52 2.12 -14.94
C SER B 100 17.06 1.79 -15.27
N TYR B 101 16.86 0.79 -16.10
CA TYR B 101 15.52 0.23 -16.39
C TYR B 101 15.18 -0.69 -15.24
N ILE B 102 14.13 -0.31 -14.49
CA ILE B 102 13.71 -1.03 -13.32
C ILE B 102 12.54 -1.94 -13.72
N VAL B 103 12.72 -3.22 -13.40
CA VAL B 103 11.73 -4.26 -13.67
C VAL B 103 11.48 -4.96 -12.34
N HIS B 104 10.28 -4.75 -11.82
CA HIS B 104 9.98 -5.20 -10.51
C HIS B 104 8.97 -6.34 -10.66
N ILE B 105 9.22 -7.44 -9.95
CA ILE B 105 8.30 -8.59 -10.04
C ILE B 105 7.37 -8.55 -8.86
N SER B 106 6.07 -8.58 -9.15
CA SER B 106 5.02 -8.51 -8.15
C SER B 106 4.16 -9.77 -8.19
N THR B 107 3.00 -9.72 -7.54
CA THR B 107 2.31 -10.95 -7.18
C THR B 107 0.79 -10.78 -7.34
N ASP B 108 0.15 -11.89 -7.69
CA ASP B 108 -1.32 -11.96 -7.71
C ASP B 108 -1.92 -11.81 -6.29
N TYR B 109 -1.09 -11.99 -5.25
CA TYR B 109 -1.60 -11.81 -3.89
C TYR B 109 -1.76 -10.35 -3.50
N VAL B 110 -1.54 -9.41 -4.43
CA VAL B 110 -1.97 -8.05 -4.15
C VAL B 110 -3.48 -7.91 -4.26
N PHE B 111 -4.16 -8.91 -4.83
CA PHE B 111 -5.61 -8.85 -4.99
C PHE B 111 -6.39 -9.57 -3.88
N ASP B 112 -7.64 -9.14 -3.64
CA ASP B 112 -8.42 -9.75 -2.56
C ASP B 112 -9.01 -11.14 -2.89
N GLY B 113 -9.05 -11.48 -4.17
CA GLY B 113 -9.38 -12.83 -4.63
C GLY B 113 -10.87 -13.12 -4.71
N GLU B 114 -11.69 -12.07 -4.62
CA GLU B 114 -13.13 -12.28 -4.67
C GLU B 114 -13.49 -12.50 -6.14
N LYS B 115 -12.95 -11.64 -7.02
CA LYS B 115 -13.29 -11.61 -8.45
C LYS B 115 -12.57 -12.65 -9.33
N GLY B 116 -11.25 -12.78 -9.17
CA GLY B 116 -10.43 -13.50 -10.15
C GLY B 116 -10.26 -12.78 -11.50
N ASN B 117 -9.51 -13.42 -12.40
CA ASN B 117 -9.24 -12.91 -13.74
C ASN B 117 -8.85 -11.44 -13.72
N TYR B 118 -7.85 -11.10 -12.90
CA TYR B 118 -7.53 -9.69 -12.70
C TYR B 118 -6.73 -9.11 -13.84
N LYS B 119 -7.16 -7.97 -14.36
CA LYS B 119 -6.40 -7.19 -15.33
C LYS B 119 -5.52 -6.17 -14.64
N GLU B 120 -4.62 -5.59 -15.43
CA GLU B 120 -3.56 -4.72 -14.90
C GLU B 120 -4.17 -3.53 -14.15
N GLU B 121 -5.31 -3.03 -14.66
CA GLU B 121 -5.91 -1.83 -14.07
C GLU B 121 -6.84 -2.11 -12.90
N ASP B 122 -7.11 -3.38 -12.62
CA ASP B 122 -7.94 -3.73 -11.46
C ASP B 122 -7.23 -3.28 -10.17
N ILE B 123 -8.01 -2.97 -9.14
CA ILE B 123 -7.45 -2.36 -7.94
C ILE B 123 -7.02 -3.40 -6.91
N PRO B 124 -5.71 -3.40 -6.58
CA PRO B 124 -5.26 -4.25 -5.49
C PRO B 124 -5.93 -3.97 -4.13
N ASN B 125 -6.03 -5.03 -3.34
CA ASN B 125 -6.69 -4.97 -2.03
C ASN B 125 -6.30 -6.23 -1.28
N PRO B 126 -5.01 -6.34 -0.88
CA PRO B 126 -4.53 -7.64 -0.40
C PRO B 126 -5.18 -8.05 0.90
N ILE B 127 -5.23 -9.35 1.14
CA ILE B 127 -5.85 -9.85 2.39
C ILE B 127 -4.85 -10.57 3.28
N ASN B 128 -3.56 -10.44 2.94
CA ASN B 128 -2.50 -10.95 3.80
C ASN B 128 -1.30 -10.03 3.72
N TYR B 129 -0.39 -10.14 4.68
CA TYR B 129 0.73 -9.19 4.72
C TYR B 129 1.77 -9.43 3.65
N TYR B 130 1.92 -10.67 3.22
CA TYR B 130 2.76 -10.88 2.06
C TYR B 130 2.24 -9.99 0.89
N GLY B 131 0.94 -10.06 0.62
CA GLY B 131 0.36 -9.24 -0.47
C GLY B 131 0.43 -7.74 -0.23
N LEU B 132 0.16 -7.31 1.00
CA LEU B 132 0.33 -5.88 1.38
C LEU B 132 1.79 -5.40 1.24
N SER B 133 2.75 -6.13 1.82
CA SER B 133 4.17 -5.74 1.66
C SER B 133 4.58 -5.65 0.20
N LYS B 134 4.15 -6.62 -0.60
CA LYS B 134 4.43 -6.60 -2.04
C LYS B 134 3.72 -5.41 -2.67
N LEU B 135 2.48 -5.11 -2.26
CA LEU B 135 1.75 -3.95 -2.83
C LEU B 135 2.49 -2.63 -2.52
N LEU B 136 3.03 -2.52 -1.31
CA LEU B 136 3.84 -1.37 -0.95
C LEU B 136 5.08 -1.31 -1.84
N GLY B 137 5.69 -2.46 -2.14
CA GLY B 137 6.78 -2.52 -3.13
C GLY B 137 6.38 -2.05 -4.51
N GLU B 138 5.24 -2.51 -5.01
CA GLU B 138 4.73 -1.99 -6.29
C GLU B 138 4.61 -0.46 -6.27
N THR B 139 4.16 0.06 -5.14
CA THR B 139 3.88 1.48 -5.01
C THR B 139 5.21 2.24 -5.15
N PHE B 140 6.26 1.78 -4.46
CA PHE B 140 7.58 2.40 -4.65
C PHE B 140 8.06 2.25 -6.09
N ALA B 141 7.72 1.17 -6.75
CA ALA B 141 8.17 0.89 -8.10
C ALA B 141 7.47 1.66 -9.18
N LEU B 142 6.36 2.26 -8.84
CA LEU B 142 5.52 2.90 -9.82
C LEU B 142 6.19 4.17 -10.32
N GLN B 143 6.63 4.13 -11.55
CA GLN B 143 7.35 5.24 -12.20
C GLN B 143 6.90 5.28 -13.66
N ASP B 144 7.05 6.40 -14.32
CA ASP B 144 6.64 6.52 -15.72
C ASP B 144 7.32 5.50 -16.62
N ASP B 145 8.60 5.20 -16.33
CA ASP B 145 9.42 4.33 -17.18
C ASP B 145 9.87 3.01 -16.50
N SER B 146 9.22 2.63 -15.41
CA SER B 146 9.49 1.32 -14.82
C SER B 146 8.49 0.31 -15.40
N LEU B 147 8.76 -0.96 -15.11
CA LEU B 147 7.85 -2.04 -15.46
C LEU B 147 7.59 -2.88 -14.23
N ILE B 148 6.29 -3.06 -13.93
CA ILE B 148 5.88 -3.96 -12.87
C ILE B 148 5.25 -5.19 -13.53
N ILE B 149 5.81 -6.36 -13.25
CA ILE B 149 5.26 -7.61 -13.86
C ILE B 149 4.59 -8.38 -12.72
N ARG B 150 3.25 -8.48 -12.76
CA ARG B 150 2.56 -9.33 -11.78
C ARG B 150 2.48 -10.74 -12.32
N THR B 151 2.72 -11.69 -11.45
CA THR B 151 2.66 -13.12 -11.82
C THR B 151 2.14 -13.94 -10.63
N SER B 152 2.03 -15.26 -10.82
CA SER B 152 1.29 -16.14 -9.93
C SER B 152 1.91 -17.52 -9.90
N GLY B 153 2.05 -18.10 -8.72
CA GLY B 153 2.36 -19.53 -8.63
C GLY B 153 3.59 -19.98 -9.43
N ILE B 154 4.67 -19.19 -9.41
CA ILE B 154 5.92 -19.64 -10.02
C ILE B 154 6.37 -21.00 -9.43
N PHE B 155 6.65 -21.98 -10.30
CA PHE B 155 7.24 -23.30 -9.94
C PHE B 155 8.47 -23.46 -10.88
N ARG B 156 9.65 -23.86 -10.43
CA ARG B 156 10.29 -25.13 -10.78
C ARG B 156 10.71 -26.17 -9.72
N ASN B 157 11.63 -25.82 -8.83
CA ASN B 157 12.11 -26.77 -7.81
C ASN B 157 11.37 -26.69 -6.50
N LYS B 158 10.57 -25.65 -6.34
CA LYS B 158 9.61 -25.58 -5.26
C LYS B 158 8.26 -25.09 -5.79
N GLY B 159 7.34 -24.87 -4.86
CA GLY B 159 6.01 -24.43 -5.20
C GLY B 159 5.07 -25.60 -5.12
N PHE B 160 3.78 -25.33 -5.28
CA PHE B 160 2.75 -26.35 -5.14
C PHE B 160 2.97 -27.60 -6.01
N PRO B 161 3.26 -27.44 -7.32
CA PRO B 161 3.45 -28.61 -8.19
C PRO B 161 4.47 -29.63 -7.70
N ILE B 162 5.58 -29.19 -7.14
CA ILE B 162 6.53 -30.19 -6.69
C ILE B 162 6.14 -30.80 -5.33
N TYR B 163 5.43 -30.03 -4.49
CA TYR B 163 4.81 -30.60 -3.30
C TYR B 163 3.90 -31.76 -3.74
N VAL B 164 3.07 -31.50 -4.75
CA VAL B 164 2.14 -32.51 -5.27
C VAL B 164 2.86 -33.75 -5.78
N TYR B 165 3.83 -33.56 -6.66
CA TYR B 165 4.61 -34.66 -7.20
C TYR B 165 5.16 -35.56 -6.11
N LYS B 166 5.90 -34.98 -5.15
CA LYS B 166 6.62 -35.76 -4.14
C LYS B 166 5.72 -36.37 -3.05
N THR B 167 4.50 -35.85 -2.91
CA THR B 167 3.54 -36.42 -1.97
C THR B 167 2.81 -37.57 -2.66
N LEU B 168 2.36 -37.35 -3.91
CA LEU B 168 1.65 -38.39 -4.66
C LEU B 168 2.57 -39.54 -5.09
N LYS B 169 3.79 -39.23 -5.52
CA LYS B 169 4.75 -40.28 -5.97
C LYS B 169 4.98 -41.35 -4.90
N GLU B 170 4.88 -40.95 -3.63
CA GLU B 170 4.98 -41.84 -2.47
C GLU B 170 3.62 -42.31 -1.97
N GLY B 171 2.59 -42.17 -2.80
CA GLY B 171 1.24 -42.58 -2.44
C GLY B 171 0.55 -41.91 -1.26
N LYS B 172 1.07 -40.76 -0.80
CA LYS B 172 0.47 -40.00 0.31
C LYS B 172 -0.65 -39.03 -0.20
N THR B 173 -1.34 -38.39 0.73
CA THR B 173 -2.49 -37.54 0.38
C THR B 173 -2.11 -36.06 0.25
N VAL B 174 -2.44 -35.49 -0.90
CA VAL B 174 -2.36 -34.04 -1.10
C VAL B 174 -3.66 -33.39 -0.60
N PHE B 175 -3.52 -32.37 0.26
CA PHE B 175 -4.64 -31.53 0.61
C PHE B 175 -4.51 -30.20 -0.11
N ALA B 176 -5.38 -29.99 -1.11
CA ALA B 176 -5.35 -28.80 -1.97
C ALA B 176 -6.33 -27.74 -1.48
N PHE B 177 -5.81 -26.54 -1.19
CA PHE B 177 -6.60 -25.37 -0.80
C PHE B 177 -7.65 -25.12 -1.87
N LYS B 178 -8.89 -24.90 -1.44
CA LYS B 178 -9.97 -24.54 -2.34
C LYS B 178 -9.76 -23.12 -2.81
N GLY B 179 -9.44 -22.98 -4.07
CA GLY B 179 -9.30 -21.66 -4.69
C GLY B 179 -8.55 -21.78 -5.98
N TYR B 180 -8.43 -20.67 -6.69
CA TYR B 180 -7.93 -20.63 -8.06
C TYR B 180 -6.77 -19.67 -8.13
N TYR B 181 -5.85 -19.97 -9.03
CA TYR B 181 -4.72 -19.06 -9.34
C TYR B 181 -4.18 -19.33 -10.75
N SER B 182 -3.01 -18.79 -11.10
CA SER B 182 -2.55 -18.79 -12.49
C SER B 182 -1.08 -19.24 -12.56
N PRO B 183 -0.81 -20.55 -12.30
CA PRO B 183 0.60 -20.98 -12.14
C PRO B 183 1.37 -20.86 -13.46
N ILE B 184 2.65 -20.55 -13.32
CA ILE B 184 3.55 -20.39 -14.46
C ILE B 184 4.91 -21.03 -14.08
N SER B 185 5.52 -21.77 -15.00
CA SER B 185 6.85 -22.31 -14.68
C SER B 185 7.86 -21.16 -14.72
N ALA B 186 8.90 -21.27 -13.91
CA ALA B 186 9.97 -20.24 -13.93
C ALA B 186 10.62 -20.07 -15.31
N ARG B 187 10.75 -21.17 -16.06
CA ARG B 187 11.37 -21.08 -17.39
C ARG B 187 10.48 -20.37 -18.39
N LYS B 188 9.16 -20.55 -18.30
CA LYS B 188 8.26 -19.81 -19.22
C LYS B 188 8.16 -18.32 -18.83
N LEU B 189 8.10 -18.06 -17.52
CA LEU B 189 8.11 -16.66 -17.05
C LEU B 189 9.41 -15.92 -17.43
N ALA B 190 10.56 -16.55 -17.18
CA ALA B 190 11.88 -16.00 -17.58
C ALA B 190 11.96 -15.63 -19.07
N SER B 191 11.49 -16.52 -19.96
CA SER B 191 11.46 -16.27 -21.39
C SER B 191 10.59 -15.07 -21.71
N ALA B 192 9.39 -15.02 -21.12
CA ALA B 192 8.49 -13.89 -21.29
C ALA B 192 9.16 -12.58 -20.86
N ILE B 193 9.81 -12.60 -19.69
CA ILE B 193 10.51 -11.44 -19.13
C ILE B 193 11.57 -10.88 -20.11
N LEU B 194 12.33 -11.77 -20.74
CA LEU B 194 13.34 -11.38 -21.75
C LEU B 194 12.75 -10.61 -22.91
N GLU B 195 11.64 -11.13 -23.43
CA GLU B 195 10.89 -10.49 -24.50
C GLU B 195 10.41 -9.09 -24.12
N LEU B 196 9.78 -8.99 -22.96
CA LEU B 196 9.31 -7.69 -22.47
C LEU B 196 10.46 -6.67 -22.40
N LEU B 197 11.64 -7.13 -21.99
CA LEU B 197 12.84 -6.28 -21.88
C LEU B 197 13.30 -5.71 -23.23
N GLU B 198 13.39 -6.58 -24.23
CA GLU B 198 13.70 -6.16 -25.61
C GLU B 198 12.65 -5.17 -26.12
N LEU B 199 11.41 -5.31 -25.63
CA LEU B 199 10.35 -4.41 -26.03
C LEU B 199 10.40 -3.11 -25.25
N ARG B 200 11.25 -3.05 -24.22
CA ARG B 200 11.31 -1.91 -23.30
C ARG B 200 9.90 -1.50 -22.80
N LYS B 201 9.13 -2.52 -22.42
CA LYS B 201 7.76 -2.34 -21.96
C LYS B 201 7.79 -1.58 -20.64
N THR B 202 6.85 -0.66 -20.47
CA THR B 202 6.73 0.06 -19.19
C THR B 202 5.30 -0.05 -18.67
N GLY B 203 5.11 0.31 -17.41
CA GLY B 203 3.77 0.35 -16.82
C GLY B 203 3.56 -0.88 -15.96
N ILE B 204 2.38 -1.51 -16.11
CA ILE B 204 2.09 -2.74 -15.41
C ILE B 204 1.72 -3.79 -16.45
N ILE B 205 2.19 -5.03 -16.26
CA ILE B 205 1.84 -6.15 -17.17
C ILE B 205 1.67 -7.45 -16.38
N HIS B 206 0.64 -8.24 -16.74
CA HIS B 206 0.40 -9.52 -16.11
C HIS B 206 0.98 -10.62 -16.99
N VAL B 207 1.78 -11.47 -16.37
CA VAL B 207 2.36 -12.64 -17.06
C VAL B 207 2.26 -13.85 -16.16
N ALA B 208 1.22 -14.65 -16.39
CA ALA B 208 0.97 -15.84 -15.60
C ALA B 208 0.20 -16.87 -16.45
N GLY B 209 -0.13 -17.99 -15.86
CA GLY B 209 -0.71 -19.09 -16.64
C GLY B 209 -2.22 -19.07 -16.70
N GLU B 210 -2.77 -20.19 -17.19
CA GLU B 210 -4.20 -20.41 -17.25
C GLU B 210 -4.75 -20.58 -15.84
N ARG B 211 -5.95 -20.06 -15.61
CA ARG B 211 -6.66 -20.20 -14.34
C ARG B 211 -6.95 -21.66 -14.09
N ILE B 212 -6.59 -22.13 -12.90
CA ILE B 212 -6.80 -23.52 -12.46
C ILE B 212 -6.90 -23.53 -10.95
N SER B 213 -7.66 -24.47 -10.40
CA SER B 213 -7.69 -24.66 -8.95
C SER B 213 -6.49 -25.51 -8.50
N ARG B 214 -6.09 -25.35 -7.24
CA ARG B 214 -5.04 -26.22 -6.66
C ARG B 214 -5.44 -27.70 -6.74
N PHE B 215 -6.73 -27.99 -6.51
CA PHE B 215 -7.32 -29.34 -6.63
C PHE B 215 -7.10 -29.97 -7.98
N GLU B 216 -7.58 -29.30 -9.04
CA GLU B 216 -7.40 -29.75 -10.44
C GLU B 216 -5.94 -29.86 -10.83
N LEU B 217 -5.13 -28.89 -10.39
CA LEU B 217 -3.71 -28.90 -10.73
C LEU B 217 -3.07 -30.19 -10.24
N ALA B 218 -3.33 -30.50 -8.98
CA ALA B 218 -2.85 -31.72 -8.33
C ALA B 218 -3.27 -32.95 -9.14
N LEU B 219 -4.54 -33.00 -9.56
CA LEU B 219 -5.03 -34.07 -10.43
C LEU B 219 -4.35 -34.09 -11.83
N LYS B 220 -3.99 -32.92 -12.37
CA LYS B 220 -3.28 -32.86 -13.64
C LYS B 220 -1.88 -33.49 -13.54
N ILE B 221 -1.24 -33.27 -12.40
CA ILE B 221 0.14 -33.75 -12.17
C ILE B 221 0.13 -35.26 -12.11
N LYS B 222 -0.77 -35.80 -11.30
CA LYS B 222 -1.02 -37.24 -11.20
C LYS B 222 -1.28 -37.88 -12.58
N GLU B 223 -2.26 -37.35 -13.30
CA GLU B 223 -2.51 -37.74 -14.68
C GLU B 223 -1.24 -37.67 -15.56
N LYS B 224 -0.46 -36.59 -15.46
CA LYS B 224 0.74 -36.42 -16.29
C LYS B 224 1.82 -37.44 -15.94
N PHE B 225 1.85 -37.88 -14.67
CA PHE B 225 2.96 -38.67 -14.09
C PHE B 225 2.69 -40.12 -13.59
N ASN B 226 1.72 -40.33 -12.66
CA ASN B 226 0.92 -41.61 -12.57
C ASN B 226 -0.34 -41.91 -11.68
N LEU B 227 -0.41 -41.74 -10.35
CA LEU B 227 0.62 -41.44 -9.34
C LEU B 227 -0.14 -41.55 -7.96
N PRO B 228 0.20 -42.53 -7.12
CA PRO B 228 -0.65 -43.11 -6.02
C PRO B 228 -1.30 -42.27 -4.87
N GLY B 229 -1.64 -40.99 -5.07
CA GLY B 229 -2.64 -40.32 -4.20
C GLY B 229 -3.96 -40.55 -4.92
N GLU B 230 -5.12 -40.05 -4.47
CA GLU B 230 -5.44 -39.29 -3.25
C GLU B 230 -5.09 -37.78 -3.18
N VAL B 231 -6.00 -36.99 -3.74
CA VAL B 231 -6.01 -35.54 -3.62
C VAL B 231 -7.34 -35.21 -2.94
N LYS B 232 -7.30 -34.33 -1.95
CA LYS B 232 -8.49 -33.91 -1.22
C LYS B 232 -8.55 -32.38 -1.21
N GLU B 233 -9.75 -31.82 -1.31
CA GLU B 233 -9.94 -30.37 -1.27
C GLU B 233 -10.25 -29.90 0.13
N VAL B 234 -9.62 -28.81 0.56
CA VAL B 234 -9.82 -28.28 1.90
C VAL B 234 -10.11 -26.77 1.85
N ASP B 235 -11.03 -26.30 2.69
CA ASP B 235 -11.34 -24.87 2.76
C ASP B 235 -10.15 -24.10 3.30
N GLU B 236 -9.57 -24.63 4.37
CA GLU B 236 -8.44 -24.05 5.09
C GLU B 236 -7.35 -25.13 5.17
N VAL B 237 -6.11 -24.74 4.92
CA VAL B 237 -4.98 -25.66 5.13
C VAL B 237 -4.57 -25.54 6.59
N ARG B 238 -4.46 -26.65 7.31
CA ARG B 238 -4.10 -26.62 8.74
C ARG B 238 -2.72 -25.99 8.96
N GLY B 239 -2.60 -25.18 10.02
CA GLY B 239 -1.33 -24.54 10.33
C GLY B 239 -1.03 -23.26 9.59
N TRP B 240 -1.79 -23.01 8.51
CA TRP B 240 -1.78 -21.72 7.82
C TRP B 240 -2.21 -20.61 8.77
N ILE B 241 -1.47 -19.51 8.73
CA ILE B 241 -1.69 -18.35 9.59
C ILE B 241 -2.36 -17.21 8.80
N ALA B 242 -1.88 -16.99 7.59
CA ALA B 242 -2.41 -15.96 6.71
C ALA B 242 -3.63 -16.46 5.91
N LYS B 243 -4.56 -15.56 5.63
CA LYS B 243 -5.65 -15.90 4.70
C LYS B 243 -5.12 -15.87 3.28
N ARG B 244 -5.58 -16.81 2.46
CA ARG B 244 -5.22 -16.80 1.04
C ARG B 244 -6.42 -16.29 0.25
N PRO B 245 -6.19 -15.51 -0.84
CA PRO B 245 -7.32 -15.07 -1.69
C PRO B 245 -7.97 -16.29 -2.35
N TYR B 246 -9.28 -16.27 -2.48
CA TYR B 246 -9.98 -17.42 -3.04
C TYR B 246 -9.62 -17.59 -4.53
N ASP B 247 -9.77 -16.53 -5.31
CA ASP B 247 -9.45 -16.62 -6.73
C ASP B 247 -8.49 -15.47 -7.08
N SER B 248 -7.19 -15.77 -7.04
CA SER B 248 -6.17 -14.74 -7.44
C SER B 248 -5.70 -14.89 -8.89
N SER B 249 -6.43 -15.63 -9.71
CA SER B 249 -6.04 -15.80 -11.11
C SER B 249 -5.85 -14.45 -11.82
N LEU B 250 -4.90 -14.41 -12.75
CA LEU B 250 -4.65 -13.18 -13.51
C LEU B 250 -5.10 -13.29 -14.95
N ASP B 251 -5.59 -12.18 -15.48
CA ASP B 251 -5.89 -12.06 -16.88
C ASP B 251 -4.61 -11.57 -17.56
N SER B 252 -3.97 -12.47 -18.31
CA SER B 252 -2.72 -12.11 -19.02
C SER B 252 -2.95 -11.83 -20.51
N SER B 253 -4.16 -11.40 -20.87
CA SER B 253 -4.51 -11.12 -22.28
C SER B 253 -3.56 -10.15 -22.95
N ARG B 254 -3.23 -9.05 -22.29
CA ARG B 254 -2.32 -8.05 -22.86
C ARG B 254 -0.92 -8.57 -23.23
N ALA B 255 -0.36 -9.40 -22.37
CA ALA B 255 0.93 -10.04 -22.66
C ALA B 255 0.80 -11.09 -23.76
N ARG B 256 -0.29 -11.88 -23.72
CA ARG B 256 -0.57 -12.90 -24.75
C ARG B 256 -0.68 -12.30 -26.13
N LYS B 257 -1.29 -11.11 -26.21
CA LYS B 257 -1.52 -10.47 -27.48
C LYS B 257 -0.21 -9.98 -28.10
N ILE B 258 0.77 -9.61 -27.27
CA ILE B 258 2.04 -9.01 -27.73
C ILE B 258 3.33 -9.86 -27.64
N LEU B 259 3.34 -10.91 -26.83
CA LEU B 259 4.53 -11.78 -26.66
C LEU B 259 4.37 -13.05 -27.47
N SER B 260 5.49 -13.60 -27.95
CA SER B 260 5.43 -14.83 -28.76
C SER B 260 5.53 -16.13 -27.93
N THR B 261 6.16 -16.06 -26.76
CA THR B 261 6.22 -17.16 -25.81
C THR B 261 4.80 -17.63 -25.43
N ASP B 262 4.56 -18.94 -25.50
CA ASP B 262 3.39 -19.50 -24.83
C ASP B 262 3.79 -19.76 -23.37
N PHE B 263 3.64 -18.71 -22.56
CA PHE B 263 3.95 -18.76 -21.15
C PHE B 263 2.79 -19.25 -20.32
N TYR B 264 1.62 -19.42 -20.93
CA TYR B 264 0.38 -19.65 -20.18
C TYR B 264 -0.14 -21.10 -20.13
N THR B 265 -0.01 -21.84 -21.24
CA THR B 265 -0.39 -23.25 -21.22
C THR B 265 0.45 -23.90 -20.11
N LEU B 266 -0.18 -24.76 -19.32
CA LEU B 266 0.46 -25.39 -18.18
C LEU B 266 1.74 -26.14 -18.59
N ASP B 267 2.85 -25.80 -17.92
CA ASP B 267 4.17 -26.30 -18.26
C ASP B 267 4.73 -27.20 -17.15
N LEU B 268 4.09 -28.33 -16.93
CA LEU B 268 4.54 -29.30 -15.94
C LEU B 268 5.97 -29.81 -16.19
N ASP B 269 6.43 -29.78 -17.43
CA ASP B 269 7.82 -30.15 -17.76
C ASP B 269 8.82 -29.05 -17.37
N GLY B 270 8.31 -27.99 -16.73
CA GLY B 270 9.13 -26.95 -16.14
C GLY B 270 9.40 -27.24 -14.68
N MET B 271 8.92 -28.39 -14.20
CA MET B 271 9.20 -28.86 -12.83
C MET B 271 10.58 -29.49 -12.73
N VAL B 272 11.18 -29.36 -11.56
CA VAL B 272 12.47 -29.94 -11.26
C VAL B 272 12.44 -30.20 -9.80
N VAL B 273 11.95 -31.32 -9.37
CA VAL B 273 12.40 -32.63 -9.77
C VAL B 273 11.25 -33.59 -9.51
#